data_3V9R
#
_entry.id   3V9R
#
_cell.length_a   68.823
_cell.length_b   104.065
_cell.length_c   70.862
_cell.angle_alpha   90.000
_cell.angle_beta   109.090
_cell.angle_gamma   90.000
#
_symmetry.space_group_name_H-M   'C 1 2 1'
#
loop_
_entity.id
_entity.type
_entity.pdbx_description
1 polymer 'Uncharacterized protein YOL086W-A'
2 polymer 'Uncharacterized protein YDL160C-A'
3 non-polymer 'SULFATE ION'
4 water water
#
loop_
_entity_poly.entity_id
_entity_poly.type
_entity_poly.pdbx_seq_one_letter_code
_entity_poly.pdbx_strand_id
1 'polypeptide(L)'
;(MSE)NDDEDRAQLKARLWIRVEERLQQVLSSEDIKYTPRFINSLLELAYLQLGE(MSE)GSDLQAFARHAGRGVVNKSD
L(MSE)LYLRKQPDLQERVTQE
;
A,C
2 'polypeptide(L)'
;(MSE)LSKEALIKILSQNEGGND(MSE)KIADEVVP(MSE)IQKYLDIFIDEAVLRSLQSHKDINGERGDKSPLELSHQD
LERIVGLLL(MSE)D(MSE)LEHHHHHH
;
B,D
#
# COMPACT_ATOMS: atom_id res chain seq x y z
N ASN A 2 6.50 31.10 -13.41
CA ASN A 2 5.43 31.39 -12.42
C ASN A 2 5.13 30.21 -11.48
N ASP A 3 5.31 28.99 -12.00
CA ASP A 3 5.04 27.78 -11.23
C ASP A 3 6.28 27.27 -10.51
N ASP A 4 7.46 27.60 -11.05
CA ASP A 4 8.74 27.24 -10.43
C ASP A 4 8.94 28.01 -9.13
N GLU A 5 8.46 29.26 -9.11
CA GLU A 5 8.53 30.12 -7.94
C GLU A 5 7.65 29.60 -6.81
N ASP A 6 6.46 29.10 -7.18
CA ASP A 6 5.54 28.47 -6.22
C ASP A 6 6.17 27.25 -5.57
N ARG A 7 6.63 26.31 -6.41
CA ARG A 7 7.29 25.08 -5.94
C ARG A 7 8.40 25.36 -4.93
N ALA A 8 9.24 26.34 -5.25
CA ALA A 8 10.40 26.70 -4.44
C ALA A 8 10.03 27.28 -3.08
N GLN A 9 8.96 28.08 -3.05
CA GLN A 9 8.47 28.69 -1.82
C GLN A 9 7.72 27.67 -0.96
N LEU A 10 7.03 26.73 -1.62
CA LEU A 10 6.45 25.58 -0.95
C LEU A 10 7.52 24.79 -0.19
N LYS A 11 8.51 24.29 -0.92
CA LYS A 11 9.62 23.55 -0.32
C LYS A 11 10.34 24.34 0.74
N ALA A 12 10.34 25.67 0.59
CA ALA A 12 10.94 26.56 1.57
C ALA A 12 10.11 26.66 2.85
N ARG A 13 8.79 26.75 2.71
CA ARG A 13 7.92 26.87 3.89
C ARG A 13 7.79 25.54 4.60
N LEU A 14 7.73 24.46 3.81
CA LEU A 14 7.77 23.10 4.34
C LEU A 14 9.04 22.93 5.17
N TRP A 15 10.17 23.36 4.59
CA TRP A 15 11.47 23.31 5.23
C TRP A 15 11.47 23.95 6.61
N ILE A 16 10.68 25.01 6.77
CA ILE A 16 10.55 25.71 8.04
C ILE A 16 9.80 24.88 9.08
N ARG A 17 8.75 24.19 8.65
CA ARG A 17 7.98 23.34 9.56
C ARG A 17 8.83 22.16 10.03
N VAL A 18 9.59 21.58 9.08
CA VAL A 18 10.53 20.50 9.36
C VAL A 18 11.60 20.93 10.37
N GLU A 19 12.04 22.17 10.25
CA GLU A 19 13.00 22.74 11.19
C GLU A 19 12.39 22.88 12.59
N GLU A 20 11.16 23.42 12.63
CA GLU A 20 10.41 23.57 13.88
C GLU A 20 10.14 22.23 14.57
N ARG A 21 10.07 21.17 13.77
CA ARG A 21 9.86 19.82 14.27
C ARG A 21 11.13 19.17 14.80
N LEU A 22 12.24 19.38 14.09
CA LEU A 22 13.54 18.86 14.50
C LEU A 22 13.94 19.42 15.85
N GLN A 23 13.92 20.74 15.97
CA GLN A 23 14.33 21.44 17.19
C GLN A 23 13.54 21.03 18.42
N GLN A 24 12.23 20.86 18.28
CA GLN A 24 11.42 20.42 19.39
C GLN A 24 11.78 18.97 19.75
N VAL A 25 11.54 18.08 18.80
CA VAL A 25 11.73 16.64 18.99
C VAL A 25 13.11 16.31 19.51
N LEU A 26 14.13 16.98 18.97
CA LEU A 26 15.48 16.84 19.49
C LEU A 26 15.55 17.68 20.74
N SER A 27 16.62 18.45 20.88
CA SER A 27 16.83 19.18 22.13
C SER A 27 16.56 18.15 23.20
N SER A 28 16.39 18.57 24.45
CA SER A 28 16.25 17.60 25.51
C SER A 28 17.38 16.59 25.42
N GLU A 29 18.22 16.73 24.40
CA GLU A 29 19.30 15.79 24.13
C GLU A 29 20.23 16.35 23.07
N ASP A 30 20.78 17.54 23.31
CA ASP A 30 21.66 18.20 22.36
C ASP A 30 22.08 17.18 21.30
N ILE A 31 21.60 17.36 20.09
CA ILE A 31 21.90 16.41 19.05
C ILE A 31 22.34 17.10 17.78
N LYS A 32 23.03 16.33 16.96
CA LYS A 32 23.60 16.80 15.72
C LYS A 32 22.71 16.47 14.54
N TYR A 33 22.60 17.40 13.61
CA TYR A 33 22.00 17.09 12.31
C TYR A 33 22.56 17.99 11.21
N THR A 34 22.77 17.40 10.04
CA THR A 34 23.38 18.10 8.91
C THR A 34 22.37 18.80 8.02
N PRO A 35 22.79 19.88 7.32
CA PRO A 35 21.96 20.48 6.28
C PRO A 35 21.52 19.51 5.19
N ARG A 36 22.28 18.43 4.98
CA ARG A 36 21.91 17.42 3.99
C ARG A 36 20.84 16.48 4.51
N PHE A 37 20.84 16.27 5.84
CA PHE A 37 19.82 15.45 6.49
C PHE A 37 18.45 16.09 6.37
N ILE A 38 18.36 17.37 6.76
CA ILE A 38 17.10 18.12 6.72
C ILE A 38 16.60 18.28 5.28
N ASN A 39 17.53 18.52 4.36
CA ASN A 39 17.22 18.61 2.93
C ASN A 39 16.55 17.33 2.41
N SER A 40 17.08 16.18 2.83
CA SER A 40 16.57 14.87 2.43
C SER A 40 15.20 14.62 3.04
N LEU A 41 15.02 15.08 4.27
CA LEU A 41 13.75 14.90 4.98
C LEU A 41 12.67 15.73 4.31
N LEU A 42 13.01 17.00 4.06
CA LEU A 42 12.15 17.91 3.32
C LEU A 42 11.65 17.30 2.02
N GLU A 43 12.59 16.80 1.21
CA GLU A 43 12.24 16.17 -0.06
C GLU A 43 11.30 15.00 0.13
N LEU A 44 11.66 14.10 1.05
CA LEU A 44 10.84 12.94 1.36
C LEU A 44 9.44 13.31 1.84
N ALA A 45 9.31 14.38 2.63
CA ALA A 45 7.99 14.81 3.13
C ALA A 45 7.15 15.44 2.02
N TYR A 46 7.82 16.10 1.10
CA TYR A 46 7.19 16.69 -0.07
C TYR A 46 6.58 15.60 -0.96
N LEU A 47 7.38 14.59 -1.30
CA LEU A 47 6.90 13.46 -2.12
C LEU A 47 5.79 12.69 -1.43
N GLN A 48 5.99 12.40 -0.15
CA GLN A 48 5.02 11.66 0.65
C GLN A 48 3.67 12.36 0.60
N LEU A 49 3.70 13.68 0.63
CA LEU A 49 2.48 14.49 0.55
C LEU A 49 1.85 14.38 -0.83
N GLY A 50 2.70 14.31 -1.86
CA GLY A 50 2.23 14.09 -3.23
C GLY A 50 1.54 12.76 -3.40
N GLU A 51 2.16 11.71 -2.87
CA GLU A 51 1.63 10.34 -2.91
C GLU A 51 0.25 10.25 -2.25
N GLY A 53 -1.78 12.79 -1.57
CA GLY A 53 -2.70 13.68 -2.28
C GLY A 53 -3.29 12.99 -3.48
N SER A 54 -2.44 12.30 -4.23
CA SER A 54 -2.88 11.51 -5.36
C SER A 54 -3.98 10.52 -4.92
N ASP A 55 -3.73 9.78 -3.84
CA ASP A 55 -4.71 8.83 -3.30
C ASP A 55 -6.03 9.48 -2.85
N LEU A 56 -5.94 10.54 -2.05
CA LEU A 56 -7.13 11.24 -1.56
C LEU A 56 -7.97 11.72 -2.74
N GLN A 57 -7.30 12.24 -3.77
CA GLN A 57 -8.01 12.71 -4.96
C GLN A 57 -8.76 11.56 -5.63
N ALA A 58 -8.10 10.42 -5.81
CA ALA A 58 -8.75 9.24 -6.37
C ALA A 58 -9.93 8.75 -5.52
N PHE A 59 -9.83 8.91 -4.20
CA PHE A 59 -10.87 8.47 -3.29
C PHE A 59 -12.10 9.38 -3.30
N ALA A 60 -11.87 10.69 -3.38
CA ALA A 60 -12.97 11.65 -3.52
C ALA A 60 -13.70 11.39 -4.84
N ARG A 61 -12.94 11.26 -5.92
CA ARG A 61 -13.48 10.96 -7.24
C ARG A 61 -14.28 9.68 -7.27
N HIS A 62 -13.76 8.63 -6.63
CA HIS A 62 -14.44 7.34 -6.54
C HIS A 62 -15.89 7.47 -6.05
N ALA A 63 -16.12 8.39 -5.10
CA ALA A 63 -17.44 8.62 -4.52
C ALA A 63 -18.19 9.72 -5.26
N GLY A 64 -17.60 10.18 -6.36
CA GLY A 64 -18.20 11.24 -7.18
C GLY A 64 -18.10 12.64 -6.60
N ARG A 65 -17.26 12.85 -5.59
CA ARG A 65 -17.09 14.20 -5.05
C ARG A 65 -15.93 14.90 -5.74
N GLY A 66 -15.97 16.23 -5.73
CA GLY A 66 -14.88 17.05 -6.26
C GLY A 66 -14.05 17.68 -5.15
N VAL A 67 -14.37 17.32 -3.91
CA VAL A 67 -13.68 17.84 -2.72
C VAL A 67 -13.35 16.70 -1.74
N VAL A 68 -12.09 16.67 -1.29
CA VAL A 68 -11.59 15.64 -0.38
C VAL A 68 -12.29 15.68 0.99
N ASN A 69 -12.72 14.50 1.46
CA ASN A 69 -13.47 14.34 2.71
C ASN A 69 -12.61 13.82 3.86
N LYS A 70 -13.19 13.86 5.06
CA LYS A 70 -12.63 13.13 6.19
C LYS A 70 -12.65 11.64 5.85
N SER A 71 -13.78 11.17 5.33
CA SER A 71 -13.92 9.78 4.90
C SER A 71 -12.85 9.34 3.89
N ASP A 72 -12.34 10.28 3.09
CA ASP A 72 -11.22 10.01 2.17
C ASP A 72 -9.94 9.78 2.93
N LEU A 73 -9.71 10.60 3.95
CA LEU A 73 -8.54 10.50 4.79
C LEU A 73 -8.63 9.22 5.61
N LEU A 75 -10.29 6.55 4.81
CA LEU A 75 -10.04 5.46 3.87
C LEU A 75 -8.55 5.29 3.58
N TYR A 76 -7.86 6.40 3.34
CA TYR A 76 -6.41 6.35 3.12
C TYR A 76 -5.67 5.73 4.30
N LEU A 77 -6.21 5.94 5.51
CA LEU A 77 -5.60 5.42 6.73
C LEU A 77 -6.31 4.21 7.32
N ARG A 78 -7.05 3.48 6.49
CA ARG A 78 -7.87 2.36 6.96
C ARG A 78 -7.05 1.24 7.62
N LYS A 79 -5.82 1.02 7.13
CA LYS A 79 -4.94 0.02 7.72
C LYS A 79 -4.06 0.61 8.82
N GLN A 80 -4.33 1.86 9.20
CA GLN A 80 -3.55 2.54 10.22
C GLN A 80 -4.42 3.20 11.32
N PRO A 81 -4.99 2.38 12.22
CA PRO A 81 -5.92 2.83 13.28
C PRO A 81 -5.29 3.84 14.23
N ASP A 82 -3.97 3.79 14.34
CA ASP A 82 -3.20 4.71 15.17
C ASP A 82 -3.17 6.12 14.61
N LEU A 83 -2.77 6.22 13.34
CA LEU A 83 -2.77 7.50 12.65
C LEU A 83 -4.18 8.05 12.58
N GLN A 84 -5.15 7.18 12.34
CA GLN A 84 -6.57 7.56 12.34
C GLN A 84 -6.98 8.24 13.65
N GLU A 85 -6.50 7.71 14.76
CA GLU A 85 -6.81 8.27 16.09
C GLU A 85 -6.12 9.62 16.33
N ARG A 86 -4.80 9.67 16.11
CA ARG A 86 -3.99 10.85 16.43
C ARG A 86 -4.35 12.04 15.55
N VAL A 87 -4.65 11.74 14.30
CA VAL A 87 -4.96 12.75 13.28
C VAL A 87 -6.32 13.39 13.54
N THR A 88 -7.20 12.67 14.22
CA THR A 88 -8.42 13.22 14.78
C THR A 88 -8.06 13.98 16.05
N GLN A 89 -8.08 15.31 15.96
CA GLN A 89 -7.68 16.20 17.06
C GLN A 89 -6.23 16.00 17.46
N LEU B 2 1.66 24.90 9.97
CA LEU B 2 2.01 25.28 8.61
C LEU B 2 0.89 26.13 8.01
N SER B 3 0.82 26.16 6.68
CA SER B 3 -0.22 26.91 5.98
C SER B 3 -1.49 26.08 5.83
N LYS B 4 -2.36 26.49 4.91
CA LYS B 4 -3.58 25.77 4.60
C LYS B 4 -3.75 25.64 3.08
N GLU B 5 -3.26 26.64 2.36
CA GLU B 5 -3.35 26.69 0.90
C GLU B 5 -2.09 26.13 0.25
N ALA B 6 -0.99 26.13 1.00
CA ALA B 6 0.26 25.54 0.55
C ALA B 6 0.17 24.01 0.51
N LEU B 7 -0.49 23.44 1.53
CA LEU B 7 -0.74 22.00 1.57
C LEU B 7 -1.45 21.51 0.32
N ILE B 8 -2.45 22.29 -0.11
CA ILE B 8 -3.22 22.02 -1.31
C ILE B 8 -2.30 21.85 -2.52
N LYS B 9 -1.36 22.78 -2.67
CA LYS B 9 -0.46 22.78 -3.82
C LYS B 9 0.53 21.63 -3.79
N ILE B 10 0.97 21.26 -2.58
CA ILE B 10 1.88 20.13 -2.40
C ILE B 10 1.13 18.81 -2.58
N LEU B 11 -0.07 18.71 -2.00
CA LEU B 11 -0.89 17.52 -2.14
C LEU B 11 -1.28 17.25 -3.59
N SER B 12 -1.37 18.32 -4.39
CA SER B 12 -1.79 18.23 -5.78
C SER B 12 -0.63 18.07 -6.76
N GLN B 13 0.60 18.09 -6.25
CA GLN B 13 1.81 18.08 -7.09
C GLN B 13 1.75 17.09 -8.27
N ASN B 14 1.08 15.96 -8.08
CA ASN B 14 1.04 14.91 -9.10
C ASN B 14 -0.08 15.08 -10.15
N GLU B 15 -1.08 15.90 -9.85
CA GLU B 15 -2.25 16.04 -10.72
C GLU B 15 -2.12 17.20 -11.72
N GLY B 16 -2.89 17.13 -12.81
CA GLY B 16 -2.78 18.02 -13.95
C GLY B 16 -3.05 19.50 -13.73
N GLY B 17 -4.24 19.96 -14.09
CA GLY B 17 -4.57 21.38 -14.14
C GLY B 17 -4.88 22.04 -12.80
N ASN B 18 -6.17 22.19 -12.51
CA ASN B 18 -6.61 22.87 -11.30
C ASN B 18 -6.36 22.04 -10.05
N ASP B 19 -5.92 22.71 -8.99
CA ASP B 19 -5.64 22.08 -7.70
C ASP B 19 -6.86 21.33 -7.16
N LYS B 21 -9.56 20.19 -4.15
CA LYS B 21 -10.28 20.91 -3.09
C LYS B 21 -10.34 20.04 -1.83
N ILE B 22 -10.24 20.69 -0.68
CA ILE B 22 -10.21 19.99 0.60
C ILE B 22 -11.13 20.64 1.63
N ALA B 23 -11.94 19.81 2.29
CA ALA B 23 -12.83 20.27 3.35
C ALA B 23 -12.05 20.93 4.49
N ASP B 24 -12.55 22.06 4.97
CA ASP B 24 -11.98 22.76 6.12
C ASP B 24 -11.63 21.81 7.26
N GLU B 25 -12.47 20.79 7.44
CA GLU B 25 -12.32 19.77 8.47
C GLU B 25 -11.03 18.97 8.36
N VAL B 26 -10.62 18.69 7.13
CA VAL B 26 -9.54 17.75 6.82
C VAL B 26 -8.15 18.37 6.84
N VAL B 27 -8.09 19.68 6.64
CA VAL B 27 -6.85 20.46 6.68
C VAL B 27 -6.06 20.26 7.98
N PRO B 28 -6.72 20.37 9.15
CA PRO B 28 -5.96 20.13 10.38
C PRO B 28 -5.50 18.68 10.54
N ILE B 30 -4.51 16.59 7.96
CA ILE B 30 -3.33 16.45 7.11
C ILE B 30 -2.13 17.14 7.76
N GLN B 31 -2.39 18.31 8.37
CA GLN B 31 -1.36 19.02 9.13
C GLN B 31 -0.75 18.11 10.19
N LYS B 32 -1.61 17.39 10.93
CA LYS B 32 -1.14 16.50 11.98
C LYS B 32 -0.38 15.32 11.38
N TYR B 33 -0.92 14.73 10.30
CA TYR B 33 -0.23 13.65 9.61
C TYR B 33 1.21 14.04 9.24
N LEU B 34 1.36 15.27 8.75
CA LEU B 34 2.66 15.83 8.36
C LEU B 34 3.62 15.86 9.55
N ASP B 35 3.21 16.51 10.64
CA ASP B 35 4.02 16.58 11.85
C ASP B 35 4.43 15.20 12.37
N ILE B 36 3.47 14.28 12.44
CA ILE B 36 3.76 12.90 12.86
C ILE B 36 4.81 12.29 11.93
N PHE B 37 4.65 12.50 10.62
CA PHE B 37 5.54 11.91 9.63
C PHE B 37 6.97 12.40 9.81
N ILE B 38 7.10 13.70 10.08
CA ILE B 38 8.40 14.30 10.35
C ILE B 38 8.98 13.77 11.65
N ASP B 39 8.14 13.72 12.69
CA ASP B 39 8.56 13.24 14.01
C ASP B 39 9.08 11.80 13.95
N GLU B 40 8.29 10.93 13.32
CA GLU B 40 8.68 9.55 13.11
C GLU B 40 10.00 9.43 12.35
N ALA B 41 10.15 10.24 11.30
CA ALA B 41 11.37 10.21 10.48
C ALA B 41 12.60 10.54 11.30
N VAL B 42 12.49 11.54 12.17
CA VAL B 42 13.62 12.00 13.00
C VAL B 42 13.98 11.00 14.10
N LEU B 43 12.96 10.50 14.81
CA LEU B 43 13.20 9.57 15.91
C LEU B 43 13.79 8.25 15.42
N ARG B 44 13.23 7.71 14.35
CA ARG B 44 13.77 6.51 13.71
C ARG B 44 15.20 6.75 13.24
N SER B 45 15.44 7.89 12.60
CA SER B 45 16.79 8.28 12.19
C SER B 45 17.76 8.29 13.37
N LEU B 46 17.33 8.91 14.47
CA LEU B 46 18.13 9.04 15.69
C LEU B 46 18.39 7.70 16.37
N GLN B 47 17.41 6.81 16.32
CA GLN B 47 17.57 5.47 16.87
C GLN B 47 18.53 4.63 16.02
N SER B 48 18.61 4.95 14.73
CA SER B 48 19.50 4.22 13.82
C SER B 48 20.97 4.54 14.04
N HIS B 49 21.29 5.81 14.29
CA HIS B 49 22.67 6.18 14.65
C HIS B 49 23.06 5.77 16.07
N LYS B 50 22.10 5.83 17.00
CA LYS B 50 22.30 5.40 18.39
C LYS B 50 22.52 3.89 18.51
N ASP B 51 22.06 3.14 17.52
CA ASP B 51 22.32 1.70 17.45
C ASP B 51 23.56 1.45 16.60
N ILE B 52 23.44 0.59 15.59
CA ILE B 52 24.50 0.29 14.62
C ILE B 52 25.79 -0.19 15.29
N LEU B 64 23.30 13.23 12.76
CA LEU B 64 22.28 12.76 11.81
C LEU B 64 22.70 13.06 10.37
N SER B 65 23.02 11.99 9.63
CA SER B 65 23.55 12.09 8.27
C SER B 65 22.45 11.83 7.22
N HIS B 66 22.80 11.93 5.94
CA HIS B 66 21.88 11.54 4.85
C HIS B 66 21.62 10.03 4.94
N GLN B 67 22.56 9.34 5.57
CA GLN B 67 22.54 7.89 5.75
C GLN B 67 21.57 7.45 6.85
N ASP B 68 21.46 8.26 7.90
CA ASP B 68 20.51 7.99 8.99
C ASP B 68 19.10 7.81 8.46
N LEU B 69 18.66 8.82 7.72
CA LEU B 69 17.32 8.83 7.16
C LEU B 69 17.15 7.69 6.18
N GLU B 70 18.16 7.44 5.37
CA GLU B 70 18.10 6.41 4.34
C GLU B 70 17.94 5.00 4.92
N ARG B 71 18.51 4.78 6.10
CA ARG B 71 18.46 3.46 6.75
C ARG B 71 17.06 3.09 7.26
N ILE B 72 16.29 4.09 7.70
CA ILE B 72 15.00 3.87 8.36
C ILE B 72 13.81 4.12 7.43
N VAL B 73 14.11 4.62 6.23
CA VAL B 73 13.10 5.14 5.32
C VAL B 73 12.09 4.07 4.85
N GLY B 74 12.57 2.89 4.46
CA GLY B 74 11.70 1.84 3.95
C GLY B 74 10.61 1.44 4.92
N LEU B 75 10.99 1.33 6.19
CA LEU B 75 10.09 0.90 7.25
C LEU B 75 9.10 2.00 7.66
N LEU B 76 9.57 3.24 7.71
CA LEU B 76 8.72 4.38 7.96
C LEU B 76 7.51 4.39 7.05
N LEU B 77 7.73 4.24 5.75
CA LEU B 77 6.66 4.31 4.77
C LEU B 77 5.68 3.16 4.90
N ASP B 79 5.07 1.60 7.73
CA ASP B 79 4.40 1.85 8.99
C ASP B 79 3.50 3.07 9.01
N LEU B 81 1.76 6.20 6.50
CA LEU B 81 0.76 6.32 5.47
C LEU B 81 0.05 5.02 5.25
N GLU B 82 0.54 3.95 5.87
CA GLU B 82 0.05 2.65 5.54
C GLU B 82 -0.53 1.78 6.65
N HIS B 83 0.32 1.01 7.32
CA HIS B 83 -0.12 -0.19 8.01
C HIS B 83 0.33 -0.33 9.47
N HIS B 84 -0.66 -0.45 10.35
CA HIS B 84 -0.50 -0.85 11.76
C HIS B 84 0.29 0.13 12.63
N ASP C 3 -13.65 -20.82 13.26
CA ASP C 3 -13.87 -21.01 11.80
C ASP C 3 -12.57 -21.31 11.05
N ASP C 4 -11.62 -21.94 11.75
CA ASP C 4 -10.37 -22.40 11.13
C ASP C 4 -10.63 -23.59 10.21
N GLU C 5 -11.80 -24.20 10.38
CA GLU C 5 -12.27 -25.30 9.52
C GLU C 5 -12.61 -24.80 8.13
N ASP C 6 -13.14 -23.59 8.05
CA ASP C 6 -13.49 -22.95 6.77
C ASP C 6 -12.25 -22.60 5.96
N ARG C 7 -11.20 -22.18 6.67
CA ARG C 7 -9.91 -21.86 6.04
C ARG C 7 -9.33 -23.07 5.31
N ALA C 8 -9.48 -24.25 5.91
CA ALA C 8 -8.99 -25.51 5.33
C ALA C 8 -9.82 -25.98 4.13
N GLN C 9 -11.13 -25.82 4.22
CA GLN C 9 -12.06 -26.21 3.16
C GLN C 9 -11.88 -25.32 1.92
N LEU C 10 -11.72 -24.03 2.14
CA LEU C 10 -11.53 -23.07 1.05
C LEU C 10 -10.15 -23.16 0.43
N LYS C 11 -9.15 -23.52 1.23
CA LYS C 11 -7.79 -23.65 0.71
C LYS C 11 -7.68 -24.86 -0.20
N ALA C 12 -8.33 -25.96 0.18
CA ALA C 12 -8.41 -27.15 -0.65
C ALA C 12 -8.94 -26.82 -2.04
N ARG C 13 -10.01 -26.02 -2.10
CA ARG C 13 -10.54 -25.52 -3.37
C ARG C 13 -9.48 -24.74 -4.13
N LEU C 14 -8.84 -23.79 -3.44
CA LEU C 14 -7.80 -22.95 -4.03
C LEU C 14 -6.68 -23.78 -4.65
N TRP C 15 -6.27 -24.83 -3.94
CA TRP C 15 -5.19 -25.71 -4.41
C TRP C 15 -5.47 -26.32 -5.77
N ILE C 16 -6.75 -26.57 -6.08
CA ILE C 16 -7.12 -27.15 -7.37
C ILE C 16 -6.65 -26.27 -8.53
N ARG C 17 -6.96 -24.98 -8.47
CA ARG C 17 -6.51 -24.07 -9.52
C ARG C 17 -5.00 -23.80 -9.43
N VAL C 18 -4.49 -23.65 -8.20
CA VAL C 18 -3.07 -23.43 -7.97
C VAL C 18 -2.25 -24.54 -8.62
N GLU C 19 -2.64 -25.79 -8.34
CA GLU C 19 -2.04 -26.97 -8.94
C GLU C 19 -2.12 -26.96 -10.47
N GLU C 20 -3.31 -26.62 -11.00
CA GLU C 20 -3.51 -26.47 -12.44
C GLU C 20 -2.45 -25.53 -13.03
N ARG C 21 -2.26 -24.38 -12.37
CA ARG C 21 -1.33 -23.36 -12.84
C ARG C 21 0.13 -23.76 -12.66
N LEU C 22 0.42 -24.49 -11.58
CA LEU C 22 1.77 -24.98 -11.35
C LEU C 22 2.17 -25.94 -12.46
N GLN C 23 1.25 -26.85 -12.80
CA GLN C 23 1.47 -27.81 -13.88
C GLN C 23 1.41 -27.16 -15.26
N GLN C 24 0.71 -26.03 -15.35
CA GLN C 24 0.54 -25.35 -16.63
C GLN C 24 1.84 -24.78 -17.18
N VAL C 25 2.32 -23.69 -16.57
CA VAL C 25 3.56 -23.05 -16.99
C VAL C 25 4.79 -23.92 -16.70
N LEU C 26 4.52 -25.17 -16.32
CA LEU C 26 5.54 -26.18 -16.11
C LEU C 26 5.69 -27.06 -17.36
N SER C 27 4.80 -26.85 -18.33
CA SER C 27 4.62 -27.72 -19.50
C SER C 27 4.28 -29.16 -19.07
N SER C 28 3.47 -29.25 -18.00
CA SER C 28 3.00 -30.51 -17.40
C SER C 28 4.12 -31.41 -16.88
N GLU C 29 4.58 -31.12 -15.66
CA GLU C 29 5.58 -31.91 -14.93
C GLU C 29 6.97 -31.93 -15.56
N ASP C 30 7.88 -31.13 -14.99
CA ASP C 30 9.25 -30.99 -15.49
C ASP C 30 10.18 -30.55 -14.35
N ILE C 31 9.65 -29.73 -13.45
CA ILE C 31 10.40 -29.13 -12.35
C ILE C 31 9.65 -29.40 -11.05
N LYS C 32 10.40 -29.69 -9.99
CA LYS C 32 9.83 -30.01 -8.68
C LYS C 32 9.47 -28.78 -7.84
N TYR C 33 8.52 -28.98 -6.94
CA TYR C 33 8.17 -28.01 -5.91
C TYR C 33 8.20 -28.77 -4.58
N THR C 34 8.73 -28.14 -3.53
CA THR C 34 8.67 -28.75 -2.20
C THR C 34 7.26 -28.60 -1.61
N PRO C 35 6.93 -29.39 -0.56
CA PRO C 35 5.65 -29.20 0.12
C PRO C 35 5.56 -27.84 0.83
N ARG C 36 6.70 -27.28 1.26
CA ARG C 36 6.72 -25.96 1.88
C ARG C 36 6.31 -24.91 0.85
N PHE C 37 6.86 -25.03 -0.35
CA PHE C 37 6.61 -24.06 -1.42
C PHE C 37 5.14 -24.04 -1.83
N ILE C 38 4.55 -25.23 -1.96
CA ILE C 38 3.12 -25.37 -2.23
C ILE C 38 2.31 -24.73 -1.10
N ASN C 39 2.67 -25.05 0.14
CA ASN C 39 1.99 -24.50 1.31
C ASN C 39 2.06 -22.98 1.36
N SER C 40 3.26 -22.44 1.13
CA SER C 40 3.50 -21.00 1.14
C SER C 40 2.71 -20.30 0.04
N LEU C 41 2.77 -20.85 -1.17
CA LEU C 41 2.04 -20.26 -2.29
C LEU C 41 0.53 -20.18 -2.02
N LEU C 42 -0.01 -21.27 -1.49
CA LEU C 42 -1.43 -21.36 -1.14
C LEU C 42 -1.86 -20.32 -0.11
N GLU C 43 -1.13 -20.24 1.01
CA GLU C 43 -1.37 -19.21 2.03
C GLU C 43 -1.25 -17.81 1.47
N LEU C 44 -0.24 -17.58 0.63
CA LEU C 44 -0.03 -16.29 -0.02
C LEU C 44 -1.22 -15.93 -0.91
N ALA C 45 -1.65 -16.89 -1.73
CA ALA C 45 -2.80 -16.67 -2.62
C ALA C 45 -4.05 -16.39 -1.79
N TYR C 46 -4.26 -17.21 -0.77
CA TYR C 46 -5.45 -17.11 0.08
C TYR C 46 -5.50 -15.79 0.84
N LEU C 47 -4.36 -15.36 1.36
CA LEU C 47 -4.31 -14.13 2.15
C LEU C 47 -4.42 -12.86 1.30
N GLN C 48 -3.78 -12.86 0.13
CA GLN C 48 -3.83 -11.71 -0.78
C GLN C 48 -5.25 -11.47 -1.29
N LEU C 49 -5.94 -12.55 -1.67
CA LEU C 49 -7.35 -12.49 -2.03
C LEU C 49 -8.20 -11.91 -0.91
N GLY C 50 -7.84 -12.23 0.32
CA GLY C 50 -8.54 -11.71 1.50
C GLY C 50 -8.29 -10.23 1.73
N GLU C 51 -7.06 -9.78 1.49
CA GLU C 51 -6.71 -8.35 1.62
C GLU C 51 -7.41 -7.52 0.56
N GLY C 53 -10.20 -8.46 -1.24
CA GLY C 53 -11.64 -8.49 -1.01
C GLY C 53 -12.00 -7.41 0.00
N SER C 54 -11.28 -7.40 1.11
CA SER C 54 -11.49 -6.40 2.16
C SER C 54 -11.38 -4.96 1.64
N ASP C 55 -10.45 -4.72 0.72
CA ASP C 55 -10.27 -3.40 0.09
C ASP C 55 -11.37 -3.08 -0.92
N LEU C 56 -11.74 -4.08 -1.71
CA LEU C 56 -12.87 -3.99 -2.62
C LEU C 56 -14.16 -3.63 -1.90
N GLN C 57 -14.40 -4.26 -0.76
CA GLN C 57 -15.59 -3.98 0.04
C GLN C 57 -15.57 -2.56 0.60
N ALA C 58 -14.41 -2.11 1.06
CA ALA C 58 -14.28 -0.78 1.64
C ALA C 58 -14.48 0.29 0.57
N PHE C 59 -13.94 0.05 -0.63
CA PHE C 59 -14.07 0.97 -1.76
C PHE C 59 -15.52 1.09 -2.26
N ALA C 60 -16.23 -0.03 -2.31
CA ALA C 60 -17.64 -0.05 -2.66
C ALA C 60 -18.44 0.72 -1.63
N ARG C 61 -18.17 0.45 -0.35
CA ARG C 61 -18.88 1.14 0.72
C ARG C 61 -18.58 2.63 0.71
N HIS C 62 -17.34 2.99 0.40
CA HIS C 62 -16.92 4.39 0.28
C HIS C 62 -17.74 5.10 -0.78
N ALA C 63 -18.15 4.36 -1.80
CA ALA C 63 -18.97 4.89 -2.88
C ALA C 63 -20.45 4.72 -2.55
N GLY C 64 -20.76 4.34 -1.32
CA GLY C 64 -22.15 4.13 -0.92
C GLY C 64 -22.88 2.98 -1.61
N ARG C 65 -22.15 2.00 -2.13
CA ARG C 65 -22.77 0.83 -2.75
C ARG C 65 -22.67 -0.42 -1.86
N GLY C 66 -23.60 -1.34 -2.06
CA GLY C 66 -23.57 -2.64 -1.36
C GLY C 66 -22.91 -3.72 -2.20
N VAL C 67 -22.72 -3.43 -3.48
CA VAL C 67 -22.17 -4.39 -4.45
C VAL C 67 -20.84 -3.88 -5.03
N VAL C 68 -19.83 -4.74 -5.00
CA VAL C 68 -18.52 -4.44 -5.61
C VAL C 68 -18.66 -4.40 -7.13
N ASN C 69 -18.18 -3.31 -7.75
CA ASN C 69 -18.23 -3.17 -9.20
C ASN C 69 -16.84 -2.93 -9.80
N LYS C 70 -16.79 -2.61 -11.09
CA LYS C 70 -15.52 -2.50 -11.82
C LYS C 70 -14.64 -1.36 -11.34
N SER C 71 -15.24 -0.23 -11.00
CA SER C 71 -14.47 0.93 -10.55
C SER C 71 -13.69 0.65 -9.24
N ASP C 72 -14.24 -0.23 -8.40
CA ASP C 72 -13.53 -0.67 -7.19
C ASP C 72 -12.28 -1.45 -7.55
N LEU C 73 -12.43 -2.45 -8.43
CA LEU C 73 -11.28 -3.21 -8.87
C LEU C 73 -10.25 -2.29 -9.52
N LEU C 75 -9.81 0.84 -9.00
CA LEU C 75 -9.19 1.65 -7.96
C LEU C 75 -8.13 0.84 -7.23
N TYR C 76 -8.49 -0.38 -6.82
CA TYR C 76 -7.52 -1.31 -6.22
C TYR C 76 -6.25 -1.43 -7.08
N LEU C 77 -6.45 -1.52 -8.40
CA LEU C 77 -5.34 -1.70 -9.35
C LEU C 77 -4.82 -0.38 -9.91
N ARG C 78 -5.18 0.72 -9.26
CA ARG C 78 -4.84 2.07 -9.73
C ARG C 78 -3.37 2.25 -10.13
N LYS C 79 -2.46 1.70 -9.32
CA LYS C 79 -1.03 1.89 -9.55
C LYS C 79 -0.41 0.87 -10.50
N GLN C 80 -1.23 -0.01 -11.05
CA GLN C 80 -0.75 -1.02 -12.00
C GLN C 80 -1.59 -1.01 -13.30
N PRO C 81 -1.43 0.04 -14.12
CA PRO C 81 -2.18 0.21 -15.37
C PRO C 81 -2.13 -1.01 -16.29
N ASP C 82 -1.00 -1.73 -16.28
CA ASP C 82 -0.85 -2.97 -17.04
C ASP C 82 -1.81 -4.05 -16.57
N LEU C 83 -1.96 -4.20 -15.25
CA LEU C 83 -2.87 -5.19 -14.67
C LEU C 83 -4.32 -4.85 -14.98
N GLN C 84 -4.68 -3.58 -14.81
CA GLN C 84 -6.01 -3.07 -15.16
C GLN C 84 -6.44 -3.52 -16.53
N GLU C 85 -5.54 -3.37 -17.51
CA GLU C 85 -5.80 -3.83 -18.87
C GLU C 85 -5.90 -5.34 -18.94
N ARG C 86 -4.88 -6.04 -18.44
CA ARG C 86 -4.79 -7.50 -18.50
C ARG C 86 -6.04 -8.17 -17.92
N VAL C 87 -6.47 -7.65 -16.78
CA VAL C 87 -7.61 -8.17 -16.03
C VAL C 87 -8.95 -8.00 -16.75
N THR C 88 -9.02 -7.05 -17.70
CA THR C 88 -10.23 -6.83 -18.49
C THR C 88 -10.18 -7.54 -19.86
N GLN C 89 -9.01 -7.59 -20.47
CA GLN C 89 -8.81 -8.17 -21.80
C GLN C 89 -9.37 -9.60 -21.93
N LEU D 2 -10.78 -21.06 -11.00
CA LEU D 2 -11.39 -21.04 -9.67
C LEU D 2 -12.87 -20.66 -9.75
N SER D 3 -13.74 -21.55 -9.30
CA SER D 3 -15.19 -21.33 -9.35
C SER D 3 -15.57 -20.04 -8.63
N LYS D 4 -16.61 -19.38 -9.14
CA LYS D 4 -17.09 -18.12 -8.57
C LYS D 4 -17.46 -18.28 -7.09
N GLU D 5 -17.97 -19.46 -6.74
CA GLU D 5 -18.36 -19.79 -5.37
C GLU D 5 -17.21 -19.66 -4.37
N ALA D 6 -16.11 -20.37 -4.63
CA ALA D 6 -14.91 -20.31 -3.79
C ALA D 6 -14.39 -18.88 -3.66
N LEU D 7 -14.22 -18.23 -4.81
CA LEU D 7 -13.61 -16.90 -4.91
C LEU D 7 -14.29 -15.90 -3.97
N ILE D 8 -15.62 -15.79 -4.09
CA ILE D 8 -16.41 -14.89 -3.26
C ILE D 8 -16.23 -15.17 -1.77
N LYS D 9 -16.14 -16.45 -1.42
CA LYS D 9 -15.95 -16.87 -0.03
C LYS D 9 -14.55 -16.55 0.47
N ILE D 10 -13.55 -16.72 -0.40
CA ILE D 10 -12.16 -16.35 -0.07
C ILE D 10 -11.99 -14.83 0.07
N LEU D 11 -12.58 -14.06 -0.85
CA LEU D 11 -12.50 -12.60 -0.77
C LEU D 11 -13.19 -12.05 0.48
N SER D 12 -14.16 -12.81 1.00
CA SER D 12 -14.96 -12.39 2.14
C SER D 12 -14.40 -12.87 3.49
N GLN D 13 -13.21 -13.47 3.47
CA GLN D 13 -12.65 -14.13 4.67
C GLN D 13 -12.51 -13.23 5.90
N ASN D 14 -12.31 -11.93 5.69
CA ASN D 14 -11.94 -11.04 6.79
C ASN D 14 -13.07 -10.28 7.47
N GLU D 15 -14.32 -10.52 7.09
CA GLU D 15 -15.42 -9.73 7.63
C GLU D 15 -16.81 -10.34 7.42
N GLY D 16 -17.81 -9.62 7.95
CA GLY D 16 -19.22 -9.84 7.65
C GLY D 16 -19.83 -11.13 8.13
N GLY D 17 -21.16 -11.15 8.18
CA GLY D 17 -21.92 -12.38 8.33
C GLY D 17 -22.00 -13.02 6.97
N ASN D 18 -22.82 -12.44 6.10
CA ASN D 18 -22.94 -12.92 4.73
C ASN D 18 -21.79 -12.43 3.86
N ASP D 19 -21.50 -13.17 2.80
CA ASP D 19 -20.40 -12.86 1.87
C ASP D 19 -20.63 -11.52 1.20
N LYS D 21 -21.12 -8.96 -1.97
CA LYS D 21 -21.79 -9.04 -3.26
C LYS D 21 -20.89 -8.39 -4.30
N ILE D 22 -20.73 -9.08 -5.43
CA ILE D 22 -19.84 -8.64 -6.49
C ILE D 22 -20.58 -8.68 -7.82
N ALA D 23 -20.48 -7.61 -8.61
CA ALA D 23 -21.14 -7.56 -9.91
C ALA D 23 -20.61 -8.70 -10.77
N ASP D 24 -21.43 -9.18 -11.70
CA ASP D 24 -21.10 -10.35 -12.52
C ASP D 24 -19.85 -10.18 -13.38
N GLU D 25 -19.66 -8.99 -13.93
CA GLU D 25 -18.56 -8.75 -14.87
C GLU D 25 -17.20 -8.62 -14.17
N VAL D 26 -17.23 -8.53 -12.83
CA VAL D 26 -16.01 -8.33 -12.05
C VAL D 26 -15.40 -9.67 -11.62
N VAL D 27 -16.25 -10.65 -11.36
CA VAL D 27 -15.80 -11.98 -10.95
C VAL D 27 -14.72 -12.58 -11.88
N PRO D 28 -14.97 -12.60 -13.21
CA PRO D 28 -13.95 -13.18 -14.09
C PRO D 28 -12.69 -12.33 -14.16
N ILE D 30 -11.37 -10.97 -11.49
CA ILE D 30 -10.65 -11.38 -10.29
C ILE D 30 -10.08 -12.79 -10.46
N GLN D 31 -10.84 -13.64 -11.12
CA GLN D 31 -10.37 -14.96 -11.52
C GLN D 31 -9.07 -14.84 -12.33
N LYS D 32 -9.05 -13.91 -13.30
CA LYS D 32 -7.87 -13.67 -14.12
C LYS D 32 -6.72 -13.07 -13.32
N TYR D 33 -7.04 -12.10 -12.46
CA TYR D 33 -6.05 -11.54 -11.56
C TYR D 33 -5.37 -12.65 -10.75
N LEU D 34 -6.17 -13.61 -10.29
CA LEU D 34 -5.66 -14.72 -9.49
C LEU D 34 -4.67 -15.55 -10.31
N ASP D 35 -5.05 -15.88 -11.53
CA ASP D 35 -4.18 -16.65 -12.43
C ASP D 35 -2.86 -15.93 -12.65
N ILE D 36 -2.94 -14.61 -12.80
CA ILE D 36 -1.75 -13.77 -12.97
C ILE D 36 -0.91 -13.78 -11.70
N PHE D 37 -1.57 -13.62 -10.54
CA PHE D 37 -0.88 -13.59 -9.26
C PHE D 37 -0.01 -14.82 -9.04
N ILE D 38 -0.60 -16.01 -9.19
CA ILE D 38 0.14 -17.24 -8.94
C ILE D 38 1.19 -17.47 -10.05
N ASP D 39 0.86 -17.11 -11.29
CA ASP D 39 1.86 -17.20 -12.36
C ASP D 39 3.08 -16.31 -12.12
N GLU D 40 2.86 -15.12 -11.57
CA GLU D 40 3.98 -14.24 -11.25
C GLU D 40 4.82 -14.82 -10.11
N ALA D 41 4.14 -15.26 -9.05
CA ALA D 41 4.81 -15.80 -7.87
C ALA D 41 5.76 -16.92 -8.25
N VAL D 42 5.24 -17.89 -9.00
CA VAL D 42 5.97 -19.06 -9.44
C VAL D 42 7.11 -18.73 -10.39
N LEU D 43 6.83 -17.94 -11.43
CA LEU D 43 7.83 -17.63 -12.46
C LEU D 43 8.95 -16.78 -11.91
N ARG D 44 8.61 -15.91 -10.97
CA ARG D 44 9.60 -15.10 -10.29
C ARG D 44 10.43 -15.95 -9.34
N SER D 45 9.75 -16.86 -8.63
CA SER D 45 10.41 -17.81 -7.74
C SER D 45 11.40 -18.68 -8.51
N LEU D 46 11.01 -19.09 -9.71
CA LEU D 46 11.87 -19.87 -10.59
C LEU D 46 13.10 -19.07 -11.00
N GLN D 47 12.86 -17.83 -11.46
CA GLN D 47 13.93 -16.93 -11.86
C GLN D 47 14.91 -16.63 -10.72
N SER D 48 14.37 -16.46 -9.50
CA SER D 48 15.21 -16.23 -8.32
C SER D 48 16.11 -17.41 -8.02
N HIS D 49 15.54 -18.61 -8.11
CA HIS D 49 16.28 -19.85 -7.89
C HIS D 49 17.41 -20.03 -8.90
N LYS D 50 17.28 -19.42 -10.07
CA LYS D 50 18.30 -19.52 -11.11
C LYS D 50 19.41 -18.47 -10.92
N ASP D 51 19.00 -17.24 -10.62
CA ASP D 51 19.94 -16.14 -10.32
C ASP D 51 20.87 -16.53 -9.19
N ILE D 52 20.29 -17.01 -8.09
CA ILE D 52 21.04 -17.61 -6.99
C ILE D 52 21.10 -19.10 -7.25
N ASN D 53 22.29 -19.58 -7.61
CA ASN D 53 22.55 -20.99 -7.97
C ASN D 53 23.21 -21.13 -9.33
N LEU D 62 15.34 -26.40 -10.26
CA LEU D 62 14.74 -27.73 -10.37
C LEU D 62 13.85 -28.05 -9.16
N GLU D 63 14.09 -27.39 -8.03
CA GLU D 63 13.30 -27.58 -6.82
C GLU D 63 13.18 -26.28 -5.99
N LEU D 64 11.94 -25.86 -5.71
CA LEU D 64 11.64 -24.58 -5.05
C LEU D 64 11.00 -24.75 -3.65
N SER D 65 11.16 -23.74 -2.76
CA SER D 65 10.83 -23.86 -1.31
C SER D 65 10.33 -22.57 -0.59
N HIS D 66 9.95 -22.66 0.73
CA HIS D 66 9.91 -21.50 1.70
C HIS D 66 10.60 -20.40 0.90
N GLN D 67 11.87 -20.64 0.63
CA GLN D 67 12.85 -19.58 0.43
C GLN D 67 12.92 -18.90 -0.92
N ASP D 68 12.59 -19.62 -2.00
CA ASP D 68 12.51 -18.98 -3.31
C ASP D 68 11.34 -18.02 -3.38
N LEU D 69 10.21 -18.44 -2.80
CA LEU D 69 9.04 -17.57 -2.67
C LEU D 69 9.27 -16.40 -1.72
N GLU D 70 9.76 -16.70 -0.51
CA GLU D 70 10.08 -15.66 0.48
C GLU D 70 10.90 -14.57 -0.16
N ARG D 71 11.86 -14.97 -1.00
CA ARG D 71 12.83 -14.06 -1.57
C ARG D 71 12.18 -13.13 -2.60
N ILE D 72 11.09 -13.62 -3.19
CA ILE D 72 10.39 -12.94 -4.28
C ILE D 72 9.25 -12.04 -3.78
N VAL D 73 8.51 -12.50 -2.77
CA VAL D 73 7.49 -11.67 -2.16
C VAL D 73 8.16 -10.48 -1.48
N GLY D 74 7.53 -9.32 -1.57
CA GLY D 74 8.12 -8.09 -1.06
C GLY D 74 8.21 -8.03 0.45
N LEU D 75 8.22 -6.81 0.99
CA LEU D 75 8.30 -6.61 2.44
C LEU D 75 6.94 -6.84 3.11
N LEU D 76 6.04 -7.52 2.39
CA LEU D 76 4.79 -7.99 2.95
C LEU D 76 5.03 -9.24 3.78
N LEU D 77 4.23 -9.41 4.83
CA LEU D 77 4.43 -10.47 5.81
C LEU D 77 3.12 -11.21 6.07
N ASP D 79 1.98 -12.28 8.52
CA ASP D 79 2.15 -13.17 9.66
C ASP D 79 3.04 -12.50 10.72
#